data_6P9D
#
_entry.id   6P9D
#
_cell.length_a   60.100
_cell.length_b   74.030
_cell.length_c   77.190
_cell.angle_alpha   90.00
_cell.angle_beta   90.00
_cell.angle_gamma   90.00
#
_symmetry.space_group_name_H-M   'P 21 21 21'
#
loop_
_entity.id
_entity.type
_entity.pdbx_description
1 polymer 'FAD-dependent catabolic D-arginine dehydrogenase DauA'
2 non-polymer GLYCEROL
3 non-polymer 'DIHYDROFLAVINE-ADENINE DINUCLEOTIDE'
4 water water
#
_entity_poly.entity_id   1
_entity_poly.type   'polypeptide(L)'
_entity_poly.pdbx_seq_one_letter_code
;MIEADYLVIGAGIAGASTGYWLSAHGRVVVLEREAQPGYHSTGRSAAHYTVAYGTPQVRALTAASRAFFDNPPAGFCEHP
LLSPRPEMVVDFSDDPEELRRQYESGKALVPQMRLLDAEQACSIVPVLRRDKVFGATYDPTGADIDTDALHQGYLRGIRR
NQGQVLCNHEALEIRRVDGAWEVRCDAGSYRAAVLVNAAGAWCDAIAGLAGVRPLGLQPKRRSAFIFAPPPGIDCHDWPM
LVSLDESFFLKPDAGMLLGSPANADPVEAHDVQPEQLDIATGMYLIEEATTLTIRRPEHTWAGLRSFVADGDLVAGYAAN
AEGFFWVAAQGGYGIQTSAAMGEASAALIRHQPLPAHLREHGLDEAMLSPRRLSP
;
_entity_poly.pdbx_strand_id   A
#
# COMPACT_ATOMS: atom_id res chain seq x y z
N MET A 1 -13.96 9.42 -29.64
N MET A 1 -14.01 9.73 -29.73
CA MET A 1 -12.90 10.01 -28.83
CA MET A 1 -12.91 10.06 -28.84
C MET A 1 -13.53 10.84 -27.71
C MET A 1 -13.38 10.97 -27.72
N ILE A 2 -13.12 10.55 -26.48
CA ILE A 2 -13.57 11.28 -25.28
C ILE A 2 -12.40 12.12 -24.79
N GLU A 3 -12.65 13.40 -24.54
CA GLU A 3 -11.64 14.31 -24.03
C GLU A 3 -11.75 14.45 -22.51
N ALA A 4 -10.58 14.51 -21.86
CA ALA A 4 -10.51 14.75 -20.42
C ALA A 4 -9.37 15.72 -20.17
N ASP A 5 -9.34 16.26 -18.95
CA ASP A 5 -8.17 17.01 -18.52
C ASP A 5 -7.07 16.10 -18.05
N TYR A 6 -7.44 15.01 -17.37
CA TYR A 6 -6.48 14.06 -16.82
C TYR A 6 -6.97 12.66 -17.14
N LEU A 7 -6.14 11.87 -17.81
CA LEU A 7 -6.44 10.50 -18.14
C LEU A 7 -5.57 9.61 -17.28
N VAL A 8 -6.19 8.79 -16.45
CA VAL A 8 -5.51 7.95 -15.46
C VAL A 8 -5.60 6.50 -15.91
N ILE A 9 -4.47 5.82 -15.99
CA ILE A 9 -4.44 4.40 -16.31
CA ILE A 9 -4.46 4.40 -16.31
C ILE A 9 -4.28 3.64 -15.00
N GLY A 10 -5.28 2.85 -14.64
CA GLY A 10 -5.30 2.05 -13.44
C GLY A 10 -6.24 2.63 -12.40
N ALA A 11 -7.14 1.80 -11.88
CA ALA A 11 -8.11 2.22 -10.87
C ALA A 11 -7.90 1.52 -9.53
N GLY A 12 -6.68 1.06 -9.24
CA GLY A 12 -6.33 0.63 -7.91
C GLY A 12 -6.23 1.82 -6.99
N ILE A 13 -5.64 1.60 -5.80
CA ILE A 13 -5.58 2.69 -4.84
C ILE A 13 -4.78 3.88 -5.37
N ALA A 14 -3.75 3.63 -6.19
CA ALA A 14 -2.93 4.72 -6.73
C ALA A 14 -3.75 5.59 -7.68
N GLY A 15 -4.37 4.99 -8.70
CA GLY A 15 -5.13 5.78 -9.64
C GLY A 15 -6.38 6.39 -9.02
N ALA A 16 -7.03 5.65 -8.12
CA ALA A 16 -8.23 6.16 -7.50
C ALA A 16 -7.93 7.37 -6.63
N SER A 17 -6.86 7.31 -5.82
CA SER A 17 -6.54 8.43 -4.93
CA SER A 17 -6.53 8.42 -4.94
C SER A 17 -6.09 9.65 -5.73
N THR A 18 -5.22 9.46 -6.71
CA THR A 18 -4.80 10.59 -7.53
C THR A 18 -6.00 11.18 -8.27
N GLY A 19 -6.82 10.31 -8.87
CA GLY A 19 -8.01 10.79 -9.56
C GLY A 19 -8.96 11.54 -8.66
N TYR A 20 -9.12 11.06 -7.42
CA TYR A 20 -10.01 11.73 -6.48
C TYR A 20 -9.59 13.19 -6.26
N TRP A 21 -8.31 13.43 -5.94
CA TRP A 21 -7.89 14.81 -5.73
C TRP A 21 -7.91 15.63 -7.02
N LEU A 22 -7.57 15.01 -8.16
CA LEU A 22 -7.61 15.74 -9.43
C LEU A 22 -9.03 16.15 -9.79
N SER A 23 -10.03 15.32 -9.43
CA SER A 23 -11.38 15.52 -9.93
C SER A 23 -12.03 16.80 -9.42
N ALA A 24 -11.49 17.40 -8.35
CA ALA A 24 -11.96 18.70 -7.89
C ALA A 24 -11.55 19.82 -8.84
N HIS A 25 -10.64 19.56 -9.78
CA HIS A 25 -10.02 20.61 -10.57
C HIS A 25 -10.21 20.46 -12.07
N GLY A 26 -10.70 19.32 -12.54
CA GLY A 26 -10.86 19.10 -13.96
C GLY A 26 -11.53 17.77 -14.18
N ARG A 27 -11.76 17.46 -15.45
N ARG A 27 -11.77 17.46 -15.44
CA ARG A 27 -12.41 16.20 -15.82
CA ARG A 27 -12.42 16.20 -15.82
C ARG A 27 -11.39 15.07 -15.79
C ARG A 27 -11.40 15.07 -15.79
N VAL A 28 -11.68 14.06 -14.97
CA VAL A 28 -10.83 12.88 -14.82
C VAL A 28 -11.52 11.72 -15.51
N VAL A 29 -10.79 10.97 -16.32
CA VAL A 29 -11.25 9.67 -16.82
C VAL A 29 -10.21 8.65 -16.39
N VAL A 30 -10.65 7.62 -15.69
CA VAL A 30 -9.80 6.52 -15.24
C VAL A 30 -10.12 5.30 -16.09
N LEU A 31 -9.09 4.68 -16.66
CA LEU A 31 -9.22 3.49 -17.48
C LEU A 31 -8.68 2.30 -16.70
N GLU A 32 -9.51 1.28 -16.51
CA GLU A 32 -9.16 0.09 -15.75
C GLU A 32 -9.36 -1.17 -16.60
N ARG A 33 -8.31 -1.99 -16.70
CA ARG A 33 -8.34 -3.20 -17.52
C ARG A 33 -9.38 -4.21 -17.03
N GLU A 34 -9.47 -4.41 -15.71
CA GLU A 34 -10.28 -5.50 -15.19
C GLU A 34 -11.75 -5.10 -15.07
N ALA A 35 -12.59 -6.10 -14.77
CA ALA A 35 -14.01 -5.86 -14.58
C ALA A 35 -14.30 -5.08 -13.31
N GLN A 36 -13.40 -5.10 -12.33
CA GLN A 36 -13.54 -4.39 -11.07
CA GLN A 36 -13.54 -4.39 -11.07
C GLN A 36 -12.22 -3.71 -10.73
N PRO A 37 -12.29 -2.55 -10.05
CA PRO A 37 -11.05 -1.79 -9.78
CA PRO A 37 -11.05 -1.79 -9.78
C PRO A 37 -10.10 -2.40 -8.74
N GLY A 38 -10.57 -3.31 -7.90
CA GLY A 38 -9.69 -3.80 -6.86
C GLY A 38 -9.30 -5.25 -7.01
N TYR A 39 -9.20 -5.72 -8.24
CA TYR A 39 -8.93 -7.14 -8.46
C TYR A 39 -7.47 -7.48 -8.20
N HIS A 40 -6.57 -6.51 -8.36
N HIS A 40 -6.58 -6.55 -8.50
CA HIS A 40 -5.13 -6.75 -8.29
CA HIS A 40 -5.17 -6.83 -8.24
C HIS A 40 -4.62 -6.35 -6.89
C HIS A 40 -4.85 -6.44 -6.81
N SER A 41 -3.51 -5.62 -6.75
N SER A 41 -3.66 -5.91 -6.56
CA SER A 41 -2.84 -5.53 -5.44
CA SER A 41 -3.15 -5.93 -5.20
C SER A 41 -3.75 -4.91 -4.39
C SER A 41 -3.79 -4.89 -4.27
N THR A 42 -4.56 -3.93 -4.78
CA THR A 42 -5.35 -3.15 -3.84
C THR A 42 -6.39 -4.02 -3.12
N GLY A 43 -6.84 -5.10 -3.75
CA GLY A 43 -7.76 -6.04 -3.13
C GLY A 43 -7.11 -7.24 -2.48
N ARG A 44 -5.78 -7.23 -2.32
CA ARG A 44 -5.04 -8.39 -1.83
C ARG A 44 -4.12 -8.05 -0.67
N SER A 45 -4.31 -6.91 -0.02
N SER A 45 -4.27 -6.88 -0.07
CA SER A 45 -3.36 -6.43 0.98
CA SER A 45 -3.49 -6.50 1.09
C SER A 45 -3.76 -6.82 2.39
C SER A 45 -4.29 -6.84 2.34
N ALA A 46 -2.81 -6.66 3.32
N ALA A 46 -3.70 -6.50 3.48
CA ALA A 46 -3.07 -6.90 4.75
CA ALA A 46 -4.44 -6.40 4.73
C ALA A 46 -3.72 -5.70 5.41
C ALA A 46 -4.70 -4.95 5.13
N ALA A 47 -3.71 -4.55 4.76
N ALA A 47 -4.05 -4.01 4.44
CA ALA A 47 -4.51 -3.39 5.16
CA ALA A 47 -4.06 -2.59 4.76
C ALA A 47 -4.17 -2.89 6.55
C ALA A 47 -3.99 -2.32 6.26
N HIS A 48 -2.88 -2.67 6.83
CA HIS A 48 -2.49 -2.14 8.12
C HIS A 48 -1.79 -0.80 7.94
N TYR A 49 -1.91 0.03 8.95
CA TYR A 49 -1.34 1.37 8.99
C TYR A 49 -0.34 1.41 10.15
N THR A 50 0.94 1.59 9.84
N THR A 50 0.94 1.57 9.84
CA THR A 50 1.94 1.88 10.86
CA THR A 50 1.88 1.95 10.88
C THR A 50 2.96 2.86 10.31
C THR A 50 2.88 2.91 10.29
N VAL A 51 3.25 3.91 11.09
CA VAL A 51 4.19 4.92 10.62
C VAL A 51 5.59 4.35 10.51
N ALA A 52 6.02 3.53 11.46
CA ALA A 52 7.42 3.06 11.52
C ALA A 52 7.66 1.84 10.63
N TYR A 53 7.53 2.08 9.32
CA TYR A 53 7.65 0.99 8.35
C TYR A 53 8.09 1.62 7.03
N GLY A 54 9.11 1.03 6.41
CA GLY A 54 9.62 1.54 5.16
C GLY A 54 10.71 2.58 5.35
N THR A 55 11.07 3.22 4.23
CA THR A 55 12.11 4.24 4.22
C THR A 55 11.58 5.53 4.85
N PRO A 56 12.46 6.50 5.13
CA PRO A 56 11.99 7.79 5.67
C PRO A 56 10.92 8.47 4.83
N GLN A 57 11.01 8.40 3.50
CA GLN A 57 9.98 8.96 2.65
C GLN A 57 8.62 8.28 2.89
N VAL A 58 8.64 6.94 2.99
CA VAL A 58 7.41 6.20 3.22
C VAL A 58 6.78 6.61 4.55
N ARG A 59 7.61 6.71 5.59
N ARG A 59 7.61 6.72 5.58
CA ARG A 59 7.08 7.06 6.91
CA ARG A 59 7.10 7.07 6.91
C ARG A 59 6.45 8.46 6.90
C ARG A 59 6.48 8.46 6.92
N ALA A 60 7.05 9.40 6.17
CA ALA A 60 6.47 10.73 6.06
C ALA A 60 5.15 10.71 5.30
N LEU A 61 5.08 9.97 4.20
CA LEU A 61 3.83 9.87 3.44
C LEU A 61 2.73 9.20 4.27
N THR A 62 3.10 8.19 5.05
CA THR A 62 2.12 7.51 5.90
C THR A 62 1.63 8.45 7.00
N ALA A 63 2.56 9.12 7.70
CA ALA A 63 2.16 10.05 8.74
C ALA A 63 1.26 11.15 8.18
N ALA A 64 1.60 11.66 7.00
CA ALA A 64 0.83 12.75 6.41
C ALA A 64 -0.56 12.32 5.95
N SER A 65 -0.79 11.02 5.78
CA SER A 65 -2.09 10.51 5.34
C SER A 65 -3.09 10.40 6.48
N ARG A 66 -2.64 10.39 7.73
CA ARG A 66 -3.54 10.14 8.84
C ARG A 66 -4.63 11.20 8.95
N ALA A 67 -4.31 12.46 8.66
CA ALA A 67 -5.29 13.52 8.80
C ALA A 67 -6.54 13.24 7.95
N PHE A 68 -6.32 12.85 6.69
CA PHE A 68 -7.46 12.50 5.84
C PHE A 68 -8.18 11.25 6.36
N PHE A 69 -7.41 10.22 6.74
CA PHE A 69 -8.05 8.98 7.16
C PHE A 69 -8.94 9.20 8.38
N ASP A 70 -8.52 10.10 9.28
CA ASP A 70 -9.32 10.33 10.48
CA ASP A 70 -9.25 10.40 10.52
C ASP A 70 -10.35 11.43 10.31
N ASN A 71 -10.30 12.20 9.22
CA ASN A 71 -11.26 13.29 9.00
C ASN A 71 -11.58 13.45 7.53
N PRO A 72 -12.13 12.45 6.86
CA PRO A 72 -12.41 12.59 5.43
C PRO A 72 -13.60 13.53 5.24
N PRO A 73 -13.77 14.06 4.03
CA PRO A 73 -14.90 14.98 3.79
C PRO A 73 -16.24 14.31 3.99
N ALA A 74 -17.24 15.11 4.34
CA ALA A 74 -18.60 14.62 4.49
C ALA A 74 -19.03 13.88 3.22
N GLY A 75 -19.65 12.71 3.41
CA GLY A 75 -20.09 11.90 2.29
C GLY A 75 -19.05 10.93 1.75
N PHE A 76 -17.80 11.00 2.22
CA PHE A 76 -16.77 10.10 1.69
C PHE A 76 -17.02 8.65 2.11
N CYS A 77 -17.45 8.43 3.36
CA CYS A 77 -17.63 7.08 3.85
C CYS A 77 -18.68 7.08 4.96
N GLU A 78 -19.22 5.89 5.23
CA GLU A 78 -20.28 5.74 6.23
CA GLU A 78 -20.28 5.73 6.22
C GLU A 78 -19.74 5.49 7.63
N HIS A 79 -18.57 4.89 7.76
CA HIS A 79 -17.99 4.53 9.04
C HIS A 79 -16.52 4.89 9.02
N PRO A 80 -15.83 4.91 10.17
CA PRO A 80 -14.42 5.30 10.16
C PRO A 80 -13.60 4.44 9.22
N LEU A 81 -12.64 5.09 8.57
CA LEU A 81 -11.73 4.38 7.67
C LEU A 81 -10.69 3.57 8.44
N LEU A 82 -10.40 3.93 9.68
CA LEU A 82 -9.41 3.24 10.48
C LEU A 82 -10.07 2.60 11.68
N SER A 83 -9.54 1.44 12.06
CA SER A 83 -9.91 0.71 13.25
CA SER A 83 -9.92 0.81 13.31
C SER A 83 -8.66 0.48 14.09
N PRO A 84 -8.73 0.54 15.42
CA PRO A 84 -7.51 0.42 16.22
CA PRO A 84 -7.51 0.42 16.22
C PRO A 84 -6.85 -0.94 16.07
N ARG A 85 -5.54 -0.93 15.81
CA ARG A 85 -4.77 -2.16 15.71
C ARG A 85 -3.30 -1.86 15.98
N PRO A 86 -2.91 -1.76 17.24
CA PRO A 86 -1.50 -1.63 17.60
C PRO A 86 -0.64 -2.66 16.90
N GLU A 87 0.63 -2.36 16.73
CA GLU A 87 1.58 -3.29 16.15
CA GLU A 87 1.60 -3.28 16.14
C GLU A 87 2.63 -3.67 17.19
N MET A 88 2.89 -4.95 17.32
CA MET A 88 3.90 -5.45 18.23
C MET A 88 4.95 -6.20 17.41
N VAL A 89 6.18 -5.71 17.45
CA VAL A 89 7.30 -6.32 16.74
C VAL A 89 8.13 -7.08 17.75
N VAL A 90 8.20 -8.41 17.61
CA VAL A 90 8.77 -9.28 18.63
C VAL A 90 10.15 -9.75 18.21
N ASP A 91 11.11 -9.68 19.12
CA ASP A 91 12.45 -10.22 18.91
C ASP A 91 12.44 -11.72 19.24
N PHE A 92 12.52 -12.56 18.20
CA PHE A 92 12.60 -14.00 18.37
C PHE A 92 14.02 -14.56 18.25
N SER A 93 15.02 -13.70 18.07
N SER A 93 15.02 -13.70 18.05
CA SER A 93 16.37 -14.18 17.83
CA SER A 93 16.37 -14.18 17.83
C SER A 93 17.40 -13.60 18.80
C SER A 93 17.36 -13.78 18.92
N ASP A 94 16.95 -12.94 19.86
CA ASP A 94 17.85 -12.38 20.89
C ASP A 94 18.86 -11.42 20.29
N ASP A 95 18.37 -10.26 19.88
CA ASP A 95 19.16 -9.22 19.22
C ASP A 95 18.81 -7.90 19.88
N PRO A 96 19.26 -7.69 21.13
CA PRO A 96 18.87 -6.47 21.85
C PRO A 96 19.35 -5.19 21.21
N GLU A 97 20.47 -5.21 20.49
CA GLU A 97 20.91 -4.00 19.79
CA GLU A 97 20.92 -4.01 19.79
C GLU A 97 19.93 -3.62 18.68
N GLU A 98 19.49 -4.60 17.90
CA GLU A 98 18.53 -4.32 16.83
C GLU A 98 17.18 -3.90 17.42
N LEU A 99 16.76 -4.57 18.50
CA LEU A 99 15.51 -4.17 19.16
C LEU A 99 15.60 -2.73 19.65
N ARG A 100 16.72 -2.35 20.28
CA ARG A 100 16.89 -0.98 20.72
C ARG A 100 16.85 0.00 19.55
N ARG A 101 17.54 -0.33 18.45
CA ARG A 101 17.58 0.58 17.31
C ARG A 101 16.19 0.78 16.71
N GLN A 102 15.40 -0.30 16.60
CA GLN A 102 14.04 -0.16 16.09
C GLN A 102 13.16 0.65 17.05
N TYR A 103 13.31 0.41 18.36
CA TYR A 103 12.56 1.18 19.33
C TYR A 103 12.88 2.67 19.21
N GLU A 104 14.17 3.02 19.19
CA GLU A 104 14.59 4.42 19.15
CA GLU A 104 14.52 4.43 19.18
C GLU A 104 14.13 5.11 17.87
N SER A 105 14.27 4.41 16.74
CA SER A 105 13.86 4.98 15.46
CA SER A 105 13.86 5.02 15.49
C SER A 105 12.34 5.15 15.40
N GLY A 106 11.61 4.16 15.90
CA GLY A 106 10.16 4.28 15.90
C GLY A 106 9.67 5.38 16.82
N LYS A 107 10.30 5.51 17.99
CA LYS A 107 9.87 6.54 18.95
CA LYS A 107 9.87 6.54 18.95
C LYS A 107 10.09 7.94 18.42
N ALA A 108 11.07 8.12 17.53
CA ALA A 108 11.31 9.44 16.94
C ALA A 108 10.13 9.91 16.11
N LEU A 109 9.35 8.99 15.54
CA LEU A 109 8.15 9.37 14.82
C LEU A 109 6.86 9.12 15.59
N VAL A 110 6.89 8.20 16.56
CA VAL A 110 5.71 7.83 17.33
C VAL A 110 6.09 7.94 18.79
N PRO A 111 5.85 9.09 19.42
CA PRO A 111 6.29 9.26 20.82
C PRO A 111 5.73 8.23 21.78
N GLN A 112 4.57 7.63 21.46
CA GLN A 112 3.97 6.61 22.31
C GLN A 112 4.57 5.23 22.14
N MET A 113 5.55 5.07 21.25
N MET A 113 5.54 5.04 21.24
CA MET A 113 6.25 3.79 21.09
CA MET A 113 6.09 3.70 21.06
C MET A 113 6.71 3.28 22.45
C MET A 113 6.79 3.23 22.33
N ARG A 114 6.59 1.97 22.66
CA ARG A 114 7.05 1.36 23.90
C ARG A 114 8.00 0.21 23.62
N LEU A 115 8.89 -0.02 24.59
CA LEU A 115 9.77 -1.19 24.62
C LEU A 115 9.21 -2.15 25.66
N LEU A 116 8.94 -3.38 25.23
CA LEU A 116 8.32 -4.38 26.10
C LEU A 116 9.34 -5.45 26.47
N ASP A 117 9.25 -5.96 27.70
CA ASP A 117 9.96 -7.17 28.02
C ASP A 117 9.18 -8.38 27.53
N ALA A 118 9.80 -9.56 27.66
CA ALA A 118 9.19 -10.78 27.11
C ALA A 118 7.86 -11.08 27.77
N GLU A 119 7.75 -10.85 29.08
N GLU A 119 7.75 -10.86 29.08
CA GLU A 119 6.50 -11.13 29.77
CA GLU A 119 6.49 -11.14 29.76
C GLU A 119 5.38 -10.24 29.28
C GLU A 119 5.37 -10.24 29.26
N GLN A 120 5.68 -8.97 29.00
CA GLN A 120 4.66 -8.07 28.48
C GLN A 120 4.20 -8.49 27.10
N ALA A 121 5.13 -8.90 26.24
CA ALA A 121 4.73 -9.35 24.91
C ALA A 121 3.83 -10.57 24.99
N CYS A 122 4.18 -11.52 25.87
CA CYS A 122 3.39 -12.74 26.00
C CYS A 122 2.03 -12.48 26.65
N SER A 123 1.93 -11.46 27.50
CA SER A 123 0.62 -11.07 28.04
CA SER A 123 0.62 -11.10 28.04
C SER A 123 -0.31 -10.61 26.93
N ILE A 124 0.24 -9.93 25.92
CA ILE A 124 -0.57 -9.37 24.85
C ILE A 124 -0.98 -10.45 23.83
N VAL A 125 -0.06 -11.33 23.45
CA VAL A 125 -0.36 -12.45 22.56
C VAL A 125 0.04 -13.71 23.31
N PRO A 126 -0.89 -14.34 24.03
CA PRO A 126 -0.51 -15.44 24.94
CA PRO A 126 -0.52 -15.44 24.93
C PRO A 126 -0.08 -16.71 24.23
N VAL A 127 -0.25 -16.83 22.91
CA VAL A 127 0.23 -18.02 22.21
C VAL A 127 1.71 -17.94 21.86
N LEU A 128 2.38 -16.83 22.14
N LEU A 128 2.37 -16.83 22.13
CA LEU A 128 3.81 -16.75 21.89
CA LEU A 128 3.80 -16.77 21.89
C LEU A 128 4.54 -17.78 22.75
C LEU A 128 4.50 -17.83 22.72
N ARG A 129 5.53 -18.45 22.16
CA ARG A 129 6.36 -19.38 22.92
C ARG A 129 7.30 -18.54 23.79
N ARG A 130 7.08 -18.58 25.10
CA ARG A 130 7.81 -17.67 25.99
C ARG A 130 9.32 -17.83 25.88
N ASP A 131 9.80 -19.06 25.70
CA ASP A 131 11.25 -19.22 25.62
C ASP A 131 11.85 -18.76 24.30
N LYS A 132 11.02 -18.38 23.33
CA LYS A 132 11.51 -17.83 22.06
C LYS A 132 11.41 -16.32 21.99
N VAL A 133 10.92 -15.66 23.03
CA VAL A 133 10.62 -14.23 23.01
C VAL A 133 11.65 -13.50 23.86
N PHE A 134 12.27 -12.47 23.29
CA PHE A 134 13.33 -11.73 23.99
C PHE A 134 13.01 -10.28 24.25
N GLY A 135 11.81 -9.83 23.88
CA GLY A 135 11.43 -8.43 23.98
C GLY A 135 10.63 -8.04 22.76
N ALA A 136 10.12 -6.81 22.75
CA ALA A 136 9.29 -6.36 21.63
C ALA A 136 9.23 -4.84 21.64
N THR A 137 8.87 -4.27 20.49
CA THR A 137 8.38 -2.90 20.46
C THR A 137 6.88 -2.93 20.28
N TYR A 138 6.22 -1.86 20.71
CA TYR A 138 4.76 -1.80 20.69
C TYR A 138 4.34 -0.40 20.28
N ASP A 139 3.62 -0.31 19.17
CA ASP A 139 3.12 0.96 18.67
C ASP A 139 1.64 1.03 18.97
N PRO A 140 1.22 1.77 20.00
CA PRO A 140 -0.21 1.85 20.35
CA PRO A 140 -0.21 1.82 20.33
C PRO A 140 -1.06 2.57 19.33
N THR A 141 -0.46 3.20 18.32
CA THR A 141 -1.18 4.04 17.36
C THR A 141 -1.46 3.34 16.05
N GLY A 142 -1.06 2.09 15.88
CA GLY A 142 -1.33 1.39 14.64
C GLY A 142 -2.82 1.21 14.41
N ALA A 143 -3.17 1.03 13.13
CA ALA A 143 -4.58 0.90 12.77
C ALA A 143 -4.73 -0.03 11.58
N ASP A 144 -5.89 -0.68 11.50
CA ASP A 144 -6.29 -1.39 10.29
C ASP A 144 -7.08 -0.43 9.41
N ILE A 145 -6.86 -0.51 8.11
CA ILE A 145 -7.54 0.36 7.14
C ILE A 145 -8.68 -0.42 6.49
N ASP A 146 -9.87 0.19 6.44
CA ASP A 146 -10.98 -0.38 5.69
C ASP A 146 -10.75 -0.07 4.22
N THR A 147 -9.97 -0.93 3.56
CA THR A 147 -9.57 -0.66 2.19
C THR A 147 -10.77 -0.54 1.25
N ASP A 148 -11.78 -1.39 1.45
CA ASP A 148 -12.97 -1.31 0.59
CA ASP A 148 -12.96 -1.30 0.59
C ASP A 148 -13.61 0.08 0.68
N ALA A 149 -13.80 0.58 1.90
CA ALA A 149 -14.45 1.87 2.06
C ALA A 149 -13.58 2.99 1.53
N LEU A 150 -12.26 2.91 1.75
CA LEU A 150 -11.35 3.95 1.27
C LEU A 150 -11.33 3.97 -0.25
N HIS A 151 -11.12 2.80 -0.86
CA HIS A 151 -11.01 2.70 -2.31
C HIS A 151 -12.31 3.14 -2.97
N GLN A 152 -13.44 2.64 -2.48
CA GLN A 152 -14.73 3.05 -3.03
C GLN A 152 -15.01 4.53 -2.77
N GLY A 153 -14.56 5.06 -1.63
CA GLY A 153 -14.71 6.50 -1.41
C GLY A 153 -14.00 7.33 -2.46
N TYR A 154 -12.76 6.95 -2.79
CA TYR A 154 -12.05 7.66 -3.85
C TYR A 154 -12.80 7.56 -5.18
N LEU A 155 -13.22 6.34 -5.54
CA LEU A 155 -13.83 6.12 -6.86
C LEU A 155 -15.18 6.84 -6.96
N ARG A 156 -16.01 6.72 -5.93
CA ARG A 156 -17.28 7.45 -5.93
CA ARG A 156 -17.28 7.45 -5.91
C ARG A 156 -17.03 8.95 -5.97
N GLY A 157 -15.97 9.42 -5.30
CA GLY A 157 -15.68 10.83 -5.30
C GLY A 157 -15.36 11.37 -6.69
N ILE A 158 -14.62 10.58 -7.48
CA ILE A 158 -14.37 10.96 -8.87
C ILE A 158 -15.69 11.09 -9.63
N ARG A 159 -16.57 10.09 -9.48
CA ARG A 159 -17.81 10.09 -10.24
C ARG A 159 -18.72 11.23 -9.80
N ARG A 160 -18.72 11.57 -8.52
CA ARG A 160 -19.54 12.67 -8.04
C ARG A 160 -19.03 14.01 -8.56
N ASN A 161 -17.75 14.09 -8.93
CA ASN A 161 -17.15 15.27 -9.54
C ASN A 161 -17.15 15.20 -11.05
N GLN A 162 -18.08 14.44 -11.63
CA GLN A 162 -18.27 14.38 -13.08
CA GLN A 162 -18.29 14.35 -13.07
C GLN A 162 -17.12 13.71 -13.80
N GLY A 163 -16.28 12.99 -13.06
CA GLY A 163 -15.27 12.16 -13.68
C GLY A 163 -15.86 10.80 -14.04
N GLN A 164 -15.05 9.99 -14.70
CA GLN A 164 -15.48 8.67 -15.15
C GLN A 164 -14.47 7.64 -14.69
N VAL A 165 -14.96 6.49 -14.25
CA VAL A 165 -14.11 5.35 -13.96
C VAL A 165 -14.64 4.21 -14.82
N LEU A 166 -13.84 3.81 -15.81
CA LEU A 166 -14.27 2.91 -16.88
C LEU A 166 -13.54 1.57 -16.73
N CYS A 167 -14.25 0.56 -16.22
CA CYS A 167 -13.69 -0.78 -16.14
C CYS A 167 -13.85 -1.48 -17.48
N ASN A 168 -13.17 -2.61 -17.62
CA ASN A 168 -13.11 -3.33 -18.90
C ASN A 168 -12.58 -2.43 -20.01
N HIS A 169 -11.63 -1.57 -19.66
CA HIS A 169 -11.02 -0.61 -20.56
C HIS A 169 -9.51 -0.74 -20.46
N GLU A 170 -8.97 -1.83 -20.97
CA GLU A 170 -7.53 -1.98 -20.99
C GLU A 170 -6.92 -1.02 -22.00
N ALA A 171 -5.96 -0.22 -21.57
CA ALA A 171 -5.21 0.62 -22.50
C ALA A 171 -4.32 -0.28 -23.34
N LEU A 172 -4.48 -0.19 -24.66
CA LEU A 172 -3.76 -1.04 -25.60
C LEU A 172 -2.74 -0.29 -26.44
N GLU A 173 -3.01 0.98 -26.75
CA GLU A 173 -2.08 1.81 -27.50
C GLU A 173 -2.09 3.19 -26.87
N ILE A 174 -0.92 3.83 -26.84
CA ILE A 174 -0.76 5.15 -26.27
C ILE A 174 0.13 5.95 -27.19
N ARG A 175 -0.29 7.18 -27.55
CA ARG A 175 0.45 7.97 -28.51
C ARG A 175 0.31 9.45 -28.20
N ARG A 176 1.41 10.18 -28.29
N ARG A 176 1.40 10.19 -28.31
CA ARG A 176 1.36 11.63 -28.16
CA ARG A 176 1.36 11.64 -28.16
C ARG A 176 0.99 12.22 -29.51
C ARG A 176 1.00 12.26 -29.51
N VAL A 177 -0.14 12.93 -29.56
CA VAL A 177 -0.71 13.45 -30.82
C VAL A 177 -1.12 14.90 -30.57
N ASP A 178 -0.53 15.83 -31.32
CA ASP A 178 -0.98 17.23 -31.31
C ASP A 178 -1.07 17.79 -29.89
N GLY A 179 0.00 17.59 -29.11
CA GLY A 179 0.06 18.18 -27.79
C GLY A 179 -0.77 17.50 -26.72
N ALA A 180 -1.27 16.30 -26.96
CA ALA A 180 -1.98 15.55 -25.94
C ALA A 180 -1.66 14.07 -26.07
N TRP A 181 -2.01 13.31 -25.05
CA TRP A 181 -1.87 11.86 -25.08
C TRP A 181 -3.20 11.25 -25.49
N GLU A 182 -3.14 10.32 -26.44
CA GLU A 182 -4.32 9.57 -26.86
C GLU A 182 -4.14 8.12 -26.50
N VAL A 183 -5.17 7.52 -25.91
CA VAL A 183 -5.13 6.13 -25.47
C VAL A 183 -6.25 5.40 -26.19
N ARG A 184 -5.89 4.28 -26.82
N ARG A 184 -5.88 4.30 -26.85
CA ARG A 184 -6.85 3.41 -27.49
CA ARG A 184 -6.86 3.41 -27.46
C ARG A 184 -7.06 2.17 -26.63
C ARG A 184 -7.06 2.21 -26.55
N CYS A 185 -8.32 1.93 -26.25
CA CYS A 185 -8.72 0.72 -25.55
C CYS A 185 -9.51 -0.13 -26.54
N ASP A 186 -9.85 -1.38 -26.20
N ASP A 186 -9.89 -1.31 -26.06
CA ASP A 186 -10.74 -2.07 -27.12
CA ASP A 186 -10.77 -2.28 -26.70
C ASP A 186 -12.08 -1.35 -27.23
C ASP A 186 -12.21 -1.79 -26.80
N ALA A 187 -12.58 -0.86 -26.10
N ALA A 187 -12.55 -0.59 -26.31
CA ALA A 187 -13.78 -0.03 -26.04
CA ALA A 187 -13.94 -0.13 -26.40
C ALA A 187 -13.35 1.42 -25.88
C ALA A 187 -14.05 1.39 -26.42
N GLY A 188 -13.07 2.07 -26.99
CA GLY A 188 -13.08 3.52 -27.04
C GLY A 188 -11.68 4.10 -27.07
N SER A 189 -11.64 5.37 -27.40
CA SER A 189 -10.41 6.15 -27.40
CA SER A 189 -10.41 6.15 -27.40
C SER A 189 -10.59 7.39 -26.55
N TYR A 190 -9.48 7.84 -25.95
CA TYR A 190 -9.48 8.87 -24.92
C TYR A 190 -8.29 9.80 -25.16
N ARG A 191 -8.50 11.09 -24.88
CA ARG A 191 -7.48 12.12 -25.14
C ARG A 191 -7.39 13.05 -23.94
N ALA A 192 -6.17 13.35 -23.48
CA ALA A 192 -5.98 14.34 -22.42
C ALA A 192 -4.55 14.89 -22.48
N ALA A 193 -4.41 16.14 -22.01
CA ALA A 193 -3.07 16.74 -21.95
C ALA A 193 -2.16 16.00 -20.98
N VAL A 194 -2.71 15.41 -19.94
CA VAL A 194 -1.93 14.71 -18.93
C VAL A 194 -2.34 13.25 -18.91
N LEU A 195 -1.35 12.36 -19.01
CA LEU A 195 -1.53 10.93 -18.83
CA LEU A 195 -1.54 10.93 -18.84
C LEU A 195 -0.92 10.55 -17.49
N VAL A 196 -1.74 10.06 -16.59
CA VAL A 196 -1.31 9.62 -15.26
C VAL A 196 -1.14 8.11 -15.31
N ASN A 197 0.09 7.65 -15.17
CA ASN A 197 0.40 6.22 -15.20
C ASN A 197 0.36 5.68 -13.78
N ALA A 198 -0.76 5.07 -13.42
CA ALA A 198 -1.01 4.52 -12.09
C ALA A 198 -1.33 3.03 -12.18
N ALA A 199 -0.60 2.32 -13.04
CA ALA A 199 -0.94 0.96 -13.43
C ALA A 199 -0.30 -0.11 -12.54
N GLY A 200 0.10 0.24 -11.31
CA GLY A 200 0.57 -0.79 -10.38
C GLY A 200 1.81 -1.47 -10.91
N ALA A 201 1.82 -2.80 -10.85
CA ALA A 201 2.95 -3.57 -11.33
C ALA A 201 3.17 -3.40 -12.82
N TRP A 202 2.20 -2.86 -13.55
CA TRP A 202 2.25 -2.68 -14.99
C TRP A 202 2.72 -1.29 -15.42
N CYS A 203 3.17 -0.43 -14.50
CA CYS A 203 3.54 0.93 -14.90
C CYS A 203 4.60 0.95 -16.00
N ASP A 204 5.60 0.07 -15.93
CA ASP A 204 6.62 0.10 -16.98
C ASP A 204 6.06 -0.41 -18.30
N ALA A 205 5.08 -1.31 -18.26
CA ALA A 205 4.44 -1.75 -19.50
C ALA A 205 3.69 -0.60 -20.17
N ILE A 206 3.03 0.24 -19.38
CA ILE A 206 2.34 1.42 -19.90
C ILE A 206 3.34 2.38 -20.54
N ALA A 207 4.47 2.63 -19.86
CA ALA A 207 5.52 3.44 -20.48
C ALA A 207 5.98 2.83 -21.80
N GLY A 208 6.04 1.49 -21.85
CA GLY A 208 6.42 0.83 -23.08
C GLY A 208 5.47 1.11 -24.24
N LEU A 209 4.16 1.10 -23.98
CA LEU A 209 3.19 1.48 -25.01
C LEU A 209 3.42 2.90 -25.48
N ALA A 210 3.78 3.79 -24.55
CA ALA A 210 3.92 5.20 -24.84
C ALA A 210 5.27 5.57 -25.43
N GLY A 211 6.25 4.67 -25.45
CA GLY A 211 7.59 5.02 -25.89
C GLY A 211 8.35 5.87 -24.91
N VAL A 212 8.07 5.73 -23.61
CA VAL A 212 8.69 6.52 -22.55
C VAL A 212 9.61 5.58 -21.78
N ARG A 213 10.83 6.04 -21.48
CA ARG A 213 11.79 5.20 -20.78
C ARG A 213 11.19 4.75 -19.44
N PRO A 214 11.23 3.47 -19.12
CA PRO A 214 10.61 2.99 -17.88
C PRO A 214 11.50 3.27 -16.66
N LEU A 215 10.93 3.01 -15.48
CA LEU A 215 11.63 3.29 -14.22
C LEU A 215 12.51 2.15 -13.75
N GLY A 216 12.31 0.94 -14.24
CA GLY A 216 12.94 -0.22 -13.63
C GLY A 216 12.16 -0.79 -12.48
N LEU A 217 10.83 -0.70 -12.54
CA LEU A 217 9.98 -1.20 -11.48
C LEU A 217 10.08 -2.71 -11.38
N GLN A 218 10.21 -3.22 -10.16
CA GLN A 218 10.27 -4.67 -9.93
C GLN A 218 9.08 -5.12 -9.10
N PRO A 219 8.10 -5.80 -9.69
CA PRO A 219 7.04 -6.42 -8.89
C PRO A 219 7.60 -7.59 -8.09
N LYS A 220 7.11 -7.73 -6.87
CA LYS A 220 7.55 -8.81 -5.98
C LYS A 220 6.33 -9.48 -5.36
N ARG A 221 6.29 -10.80 -5.43
CA ARG A 221 5.17 -11.56 -4.92
C ARG A 221 5.21 -11.65 -3.40
N ARG A 222 4.08 -11.39 -2.76
CA ARG A 222 3.89 -11.70 -1.34
CA ARG A 222 3.91 -11.72 -1.35
C ARG A 222 2.62 -12.52 -1.21
N SER A 223 2.72 -13.65 -0.53
CA SER A 223 1.59 -14.53 -0.31
C SER A 223 1.09 -14.36 1.11
N ALA A 224 -0.19 -14.69 1.31
CA ALA A 224 -0.81 -14.63 2.62
C ALA A 224 -1.91 -15.68 2.69
N PHE A 225 -2.37 -15.94 3.89
CA PHE A 225 -3.37 -16.98 4.09
C PHE A 225 -4.14 -16.69 5.37
N ILE A 226 -5.35 -17.26 5.44
CA ILE A 226 -6.14 -17.20 6.65
C ILE A 226 -6.33 -18.60 7.19
N PHE A 227 -6.35 -18.71 8.51
CA PHE A 227 -6.53 -20.00 9.16
C PHE A 227 -7.33 -19.81 10.44
N ALA A 228 -7.92 -20.90 10.92
CA ALA A 228 -8.79 -20.80 12.07
C ALA A 228 -7.97 -20.84 13.35
N PRO A 229 -8.26 -19.98 14.31
CA PRO A 229 -7.65 -20.11 15.64
C PRO A 229 -8.27 -21.28 16.37
N PRO A 230 -7.62 -21.80 17.41
CA PRO A 230 -8.24 -22.89 18.18
C PRO A 230 -9.50 -22.40 18.88
N PRO A 231 -10.45 -23.30 19.14
CA PRO A 231 -11.78 -22.84 19.59
C PRO A 231 -11.77 -22.12 20.93
N GLY A 232 -10.77 -22.32 21.77
N GLY A 232 -10.78 -22.33 21.79
CA GLY A 232 -10.77 -21.79 23.12
CA GLY A 232 -10.82 -21.76 23.11
C GLY A 232 -10.01 -20.49 23.35
C GLY A 232 -10.30 -20.35 23.29
N ILE A 233 -9.61 -19.79 22.30
CA ILE A 233 -8.90 -18.52 22.44
C ILE A 233 -9.60 -17.42 21.66
N ASP A 234 -9.83 -16.27 22.31
CA ASP A 234 -10.36 -15.09 21.66
C ASP A 234 -9.16 -14.23 21.25
N CYS A 235 -8.88 -14.21 19.96
N CYS A 235 -8.84 -14.24 19.96
CA CYS A 235 -7.75 -13.47 19.45
CA CYS A 235 -7.73 -13.45 19.44
C CYS A 235 -8.18 -12.18 18.74
C CYS A 235 -8.16 -12.14 18.81
N HIS A 236 -9.45 -11.81 18.83
CA HIS A 236 -9.93 -10.72 17.99
C HIS A 236 -9.31 -9.37 18.35
N ASP A 237 -8.81 -9.20 19.57
CA ASP A 237 -8.19 -7.94 19.97
C ASP A 237 -6.66 -7.97 19.92
N TRP A 238 -6.05 -9.05 19.43
CA TRP A 238 -4.59 -9.08 19.36
C TRP A 238 -4.07 -7.98 18.43
N PRO A 239 -2.87 -7.48 18.69
CA PRO A 239 -2.23 -6.55 17.77
C PRO A 239 -1.78 -7.26 16.49
N MET A 240 -1.39 -6.45 15.52
N MET A 240 -1.42 -6.46 15.51
CA MET A 240 -0.61 -6.96 14.40
CA MET A 240 -0.60 -6.99 14.44
C MET A 240 0.77 -7.38 14.91
C MET A 240 0.71 -7.46 15.07
N LEU A 241 1.11 -8.66 14.77
N LEU A 241 1.14 -8.67 14.71
CA LEU A 241 2.37 -9.21 15.27
CA LEU A 241 2.35 -9.27 15.22
C LEU A 241 3.33 -9.40 14.10
C LEU A 241 3.34 -9.39 14.07
N VAL A 242 4.54 -8.88 14.26
CA VAL A 242 5.59 -8.98 13.25
C VAL A 242 6.87 -9.42 13.95
N SER A 243 7.65 -10.27 13.29
CA SER A 243 8.96 -10.59 13.86
C SER A 243 9.95 -9.46 13.57
N LEU A 244 10.99 -9.38 14.41
CA LEU A 244 11.95 -8.27 14.34
C LEU A 244 12.66 -8.22 12.99
N ASP A 245 12.87 -9.37 12.35
CA ASP A 245 13.51 -9.40 11.04
C ASP A 245 12.50 -9.46 9.89
N GLU A 246 11.23 -9.20 10.19
CA GLU A 246 10.15 -9.23 9.18
CA GLU A 246 10.12 -9.25 9.21
C GLU A 246 10.02 -10.60 8.51
N SER A 247 10.37 -11.67 9.21
CA SER A 247 10.23 -12.99 8.60
C SER A 247 8.77 -13.40 8.41
N PHE A 248 7.86 -12.87 9.22
CA PHE A 248 6.44 -13.18 9.08
C PHE A 248 5.63 -12.10 9.79
N PHE A 249 4.35 -12.04 9.47
CA PHE A 249 3.39 -11.32 10.30
C PHE A 249 2.13 -12.14 10.50
N LEU A 250 1.37 -11.75 11.52
CA LEU A 250 0.17 -12.46 11.93
C LEU A 250 -0.78 -11.44 12.53
N LYS A 251 -2.03 -11.41 12.08
CA LYS A 251 -2.99 -10.42 12.55
CA LYS A 251 -2.98 -10.45 12.61
C LYS A 251 -4.39 -11.03 12.56
N PRO A 252 -5.25 -10.65 13.50
CA PRO A 252 -6.64 -11.10 13.43
C PRO A 252 -7.35 -10.48 12.23
N ASP A 253 -8.26 -11.26 11.65
CA ASP A 253 -9.05 -10.78 10.51
C ASP A 253 -10.34 -11.59 10.47
N ALA A 254 -11.47 -10.92 10.69
CA ALA A 254 -12.79 -11.52 10.46
C ALA A 254 -12.97 -12.85 11.19
N GLY A 255 -12.59 -12.87 12.45
CA GLY A 255 -12.72 -14.06 13.28
C GLY A 255 -11.71 -15.14 12.99
N MET A 256 -10.79 -14.90 12.06
CA MET A 256 -9.73 -15.81 11.69
C MET A 256 -8.39 -15.15 12.02
N LEU A 257 -7.32 -15.86 11.70
CA LEU A 257 -5.99 -15.29 11.77
C LEU A 257 -5.41 -15.23 10.36
N LEU A 258 -4.77 -14.11 10.04
CA LEU A 258 -4.16 -13.88 8.75
C LEU A 258 -2.65 -13.94 8.95
N GLY A 259 -1.99 -14.85 8.23
CA GLY A 259 -0.55 -14.98 8.32
C GLY A 259 0.12 -14.77 6.98
N SER A 260 1.41 -14.47 7.03
N SER A 260 1.39 -14.31 7.01
CA SER A 260 2.18 -14.33 5.80
CA SER A 260 2.07 -13.97 5.76
C SER A 260 3.62 -14.60 6.14
C SER A 260 3.58 -13.77 5.88
N PRO A 261 4.37 -15.21 5.22
N PRO A 261 4.38 -14.53 5.16
CA PRO A 261 5.84 -15.22 5.34
CA PRO A 261 5.84 -14.35 5.20
C PRO A 261 6.47 -13.89 4.94
C PRO A 261 6.30 -13.30 4.20
N ALA A 262 5.67 -12.88 4.64
N ALA A 262 7.55 -12.84 4.40
CA ALA A 262 6.18 -11.55 4.31
CA ALA A 262 8.04 -11.66 3.71
C ALA A 262 7.21 -11.65 3.19
C ALA A 262 8.53 -11.91 2.29
N ASN A 263 6.92 -12.49 2.21
N ASN A 263 8.66 -13.16 1.87
CA ASN A 263 7.91 -12.72 1.17
CA ASN A 263 9.59 -13.53 0.81
C ASN A 263 7.94 -11.57 0.19
C ASN A 263 9.58 -12.77 -0.53
N ALA A 264 9.01 -11.55 -0.61
CA ALA A 264 9.16 -10.57 -1.68
C ALA A 264 9.94 -11.11 -2.90
N ASP A 265 9.34 -12.08 -3.59
CA ASP A 265 10.02 -12.79 -4.68
C ASP A 265 9.83 -12.04 -5.99
N PRO A 266 10.90 -11.59 -6.65
CA PRO A 266 10.71 -10.81 -7.90
C PRO A 266 10.05 -11.63 -9.00
N VAL A 267 9.02 -11.05 -9.63
CA VAL A 267 8.26 -11.71 -10.70
C VAL A 267 7.86 -10.65 -11.72
N GLU A 268 7.40 -11.12 -12.88
CA GLU A 268 6.82 -10.22 -13.87
CA GLU A 268 6.82 -10.22 -13.87
C GLU A 268 5.41 -9.82 -13.44
N ALA A 269 4.95 -8.69 -13.95
CA ALA A 269 3.57 -8.28 -13.69
C ALA A 269 2.63 -9.28 -14.32
N HIS A 270 1.73 -9.84 -13.51
CA HIS A 270 0.74 -10.83 -13.95
C HIS A 270 -0.28 -11.00 -12.83
N ASP A 271 -1.31 -11.80 -13.10
CA ASP A 271 -2.35 -12.12 -12.12
C ASP A 271 -1.77 -13.17 -11.17
N VAL A 272 -1.14 -12.72 -10.09
CA VAL A 272 -0.24 -13.58 -9.34
C VAL A 272 -1.02 -14.51 -8.42
N GLN A 273 -0.56 -15.75 -8.33
CA GLN A 273 -1.13 -16.79 -7.49
C GLN A 273 -0.17 -17.11 -6.35
N PRO A 274 -0.69 -17.58 -5.21
CA PRO A 274 0.21 -17.95 -4.12
C PRO A 274 1.02 -19.17 -4.51
N GLU A 275 2.24 -19.25 -3.99
N GLU A 275 2.24 -19.24 -4.01
CA GLU A 275 3.09 -20.43 -4.16
CA GLU A 275 3.09 -20.40 -4.22
C GLU A 275 2.99 -21.30 -2.92
C GLU A 275 3.09 -21.26 -2.95
N GLN A 276 2.92 -22.62 -3.14
N GLN A 276 3.01 -22.58 -3.14
CA GLN A 276 2.87 -23.56 -2.02
CA GLN A 276 2.86 -23.48 -2.00
C GLN A 276 4.01 -23.32 -1.05
C GLN A 276 4.00 -23.32 -1.01
N LEU A 277 5.22 -23.11 -1.57
N LEU A 277 5.23 -23.13 -1.50
CA LEU A 277 6.38 -22.93 -0.70
CA LEU A 277 6.35 -22.97 -0.60
C LEU A 277 6.22 -21.71 0.20
C LEU A 277 6.26 -21.68 0.21
N ASP A 278 5.64 -20.63 -0.35
CA ASP A 278 5.38 -19.42 0.44
C ASP A 278 4.48 -19.75 1.62
N ILE A 279 3.37 -20.41 1.34
CA ILE A 279 2.39 -20.72 2.39
C ILE A 279 3.01 -21.64 3.43
N ALA A 280 3.72 -22.68 2.99
CA ALA A 280 4.35 -23.60 3.94
C ALA A 280 5.37 -22.89 4.82
N THR A 281 6.14 -21.96 4.23
CA THR A 281 7.13 -21.22 5.02
C THR A 281 6.45 -20.35 6.07
N GLY A 282 5.37 -19.66 5.69
CA GLY A 282 4.65 -18.85 6.66
C GLY A 282 4.08 -19.69 7.78
N MET A 283 3.51 -20.85 7.44
CA MET A 283 2.98 -21.74 8.48
C MET A 283 4.09 -22.20 9.41
N TYR A 284 5.23 -22.60 8.85
CA TYR A 284 6.36 -23.04 9.66
C TYR A 284 6.82 -21.95 10.62
N LEU A 285 6.97 -20.72 10.12
CA LEU A 285 7.47 -19.63 10.98
C LEU A 285 6.50 -19.31 12.11
N ILE A 286 5.20 -19.32 11.83
CA ILE A 286 4.23 -19.04 12.89
C ILE A 286 4.21 -20.15 13.92
N GLU A 287 4.30 -21.42 13.47
CA GLU A 287 4.34 -22.54 14.41
C GLU A 287 5.63 -22.59 15.20
N GLU A 288 6.71 -22.03 14.64
N GLU A 288 6.72 -22.05 14.65
CA GLU A 288 7.97 -21.95 15.38
CA GLU A 288 7.97 -21.97 15.40
C GLU A 288 7.91 -20.89 16.47
C GLU A 288 7.89 -20.90 16.49
N ALA A 289 7.17 -19.81 16.23
CA ALA A 289 7.10 -18.69 17.16
C ALA A 289 5.99 -18.83 18.19
N THR A 290 4.97 -19.63 17.91
CA THR A 290 3.75 -19.67 18.72
C THR A 290 3.35 -21.12 18.95
N THR A 291 2.38 -21.30 19.85
CA THR A 291 1.79 -22.61 20.12
C THR A 291 0.60 -22.91 19.21
N LEU A 292 0.35 -22.09 18.19
CA LEU A 292 -0.75 -22.34 17.26
C LEU A 292 -0.47 -23.55 16.38
N THR A 293 -1.50 -24.33 16.11
CA THR A 293 -1.47 -25.37 15.09
C THR A 293 -2.26 -24.88 13.88
N ILE A 294 -1.61 -24.87 12.73
CA ILE A 294 -2.24 -24.37 11.50
C ILE A 294 -2.62 -25.58 10.66
N ARG A 295 -3.91 -25.87 10.58
CA ARG A 295 -4.40 -26.82 9.61
C ARG A 295 -4.37 -26.17 8.23
N ARG A 296 -4.77 -26.92 7.21
CA ARG A 296 -4.77 -26.39 5.85
C ARG A 296 -5.46 -25.03 5.83
N PRO A 297 -4.78 -23.98 5.38
CA PRO A 297 -5.40 -22.66 5.39
C PRO A 297 -6.70 -22.66 4.60
N GLU A 298 -7.67 -21.88 5.07
CA GLU A 298 -8.98 -21.85 4.42
C GLU A 298 -8.97 -21.06 3.13
N HIS A 299 -8.07 -20.09 3.01
CA HIS A 299 -7.96 -19.29 1.82
C HIS A 299 -6.52 -18.82 1.73
N THR A 300 -5.97 -18.83 0.53
CA THR A 300 -4.62 -18.34 0.28
C THR A 300 -4.67 -17.45 -0.95
N TRP A 301 -3.75 -16.50 -1.02
CA TRP A 301 -3.67 -15.59 -2.15
C TRP A 301 -2.29 -14.98 -2.17
N ALA A 302 -2.02 -14.25 -3.24
CA ALA A 302 -0.79 -13.48 -3.34
C ALA A 302 -1.11 -12.17 -4.05
N GLY A 303 -0.28 -11.17 -3.77
CA GLY A 303 -0.34 -9.91 -4.49
C GLY A 303 1.06 -9.42 -4.82
N LEU A 304 1.11 -8.33 -5.56
CA LEU A 304 2.37 -7.75 -6.02
C LEU A 304 2.67 -6.47 -5.26
N ARG A 305 3.87 -6.39 -4.71
CA ARG A 305 4.42 -5.16 -4.13
C ARG A 305 5.54 -4.75 -5.06
N SER A 306 5.42 -3.57 -5.68
CA SER A 306 6.31 -3.16 -6.76
C SER A 306 7.20 -2.02 -6.32
N PHE A 307 8.51 -2.15 -6.55
CA PHE A 307 9.50 -1.23 -6.00
C PHE A 307 10.44 -0.72 -7.08
N VAL A 308 10.95 0.48 -6.88
CA VAL A 308 12.15 0.91 -7.61
C VAL A 308 13.32 0.73 -6.68
N ALA A 309 14.52 1.06 -7.19
CA ALA A 309 15.77 0.65 -6.56
C ALA A 309 15.87 1.10 -5.10
N ASP A 310 15.40 2.31 -4.79
CA ASP A 310 15.63 2.89 -3.46
C ASP A 310 14.49 2.61 -2.48
N GLY A 311 13.44 1.90 -2.89
CA GLY A 311 12.35 1.57 -2.00
C GLY A 311 11.37 2.70 -1.74
N ASP A 312 11.56 3.88 -2.35
CA ASP A 312 10.70 5.02 -2.16
C ASP A 312 9.63 5.05 -3.26
N LEU A 313 8.51 5.72 -2.97
CA LEU A 313 7.44 5.87 -3.95
C LEU A 313 7.83 6.92 -4.99
N VAL A 314 7.10 6.92 -6.10
CA VAL A 314 7.35 7.82 -7.21
C VAL A 314 6.08 8.57 -7.57
N ALA A 315 6.14 9.91 -7.57
CA ALA A 315 5.07 10.73 -8.12
C ALA A 315 5.74 11.91 -8.81
N GLY A 316 5.75 11.93 -10.13
CA GLY A 316 6.33 13.07 -10.82
C GLY A 316 6.28 12.89 -12.33
N TYR A 317 6.49 14.00 -13.03
CA TYR A 317 6.53 13.97 -14.48
C TYR A 317 7.81 13.30 -14.97
N ALA A 318 7.66 12.50 -16.03
CA ALA A 318 8.81 11.88 -16.69
C ALA A 318 9.71 12.97 -17.28
N ALA A 319 11.01 12.73 -17.24
CA ALA A 319 11.92 13.59 -17.97
C ALA A 319 11.72 13.37 -19.47
N ASN A 320 11.68 14.45 -20.23
N ASN A 320 11.66 14.47 -20.21
CA ASN A 320 11.67 14.36 -21.69
CA ASN A 320 11.60 14.44 -21.68
C ASN A 320 10.41 13.69 -22.25
C ASN A 320 10.43 13.59 -22.20
N ALA A 321 9.28 13.70 -21.54
CA ALA A 321 8.05 13.11 -22.04
C ALA A 321 6.90 13.97 -21.51
N GLU A 322 6.59 15.04 -22.25
CA GLU A 322 5.65 16.04 -21.77
C GLU A 322 4.31 15.42 -21.42
N GLY A 323 3.80 15.76 -20.25
CA GLY A 323 2.48 15.34 -19.84
C GLY A 323 2.36 13.92 -19.30
N PHE A 324 3.46 13.18 -19.20
CA PHE A 324 3.42 11.80 -18.74
C PHE A 324 3.83 11.78 -17.28
N PHE A 325 2.90 11.44 -16.38
CA PHE A 325 3.10 11.55 -14.95
C PHE A 325 3.06 10.18 -14.30
N TRP A 326 4.14 9.81 -13.61
CA TRP A 326 4.23 8.51 -12.93
C TRP A 326 3.60 8.59 -11.54
N VAL A 327 2.76 7.60 -11.20
CA VAL A 327 2.31 7.39 -9.81
C VAL A 327 2.58 5.91 -9.51
N ALA A 328 3.77 5.61 -8.98
CA ALA A 328 4.31 4.27 -9.09
C ALA A 328 5.13 3.90 -7.86
N ALA A 329 5.53 2.63 -7.83
CA ALA A 329 6.49 2.13 -6.84
C ALA A 329 5.91 2.18 -5.43
N GLN A 330 4.63 1.82 -5.30
CA GLN A 330 3.93 1.86 -4.02
C GLN A 330 4.45 0.81 -3.05
N GLY A 331 5.18 -0.19 -3.53
CA GLY A 331 5.76 -1.17 -2.63
C GLY A 331 4.68 -1.83 -1.82
N GLY A 332 4.95 -2.02 -0.54
CA GLY A 332 3.95 -2.56 0.37
C GLY A 332 3.23 -1.49 1.15
N TYR A 333 3.09 -0.30 0.57
CA TYR A 333 2.66 0.88 1.31
C TYR A 333 1.57 1.68 0.60
N GLY A 334 1.01 1.15 -0.50
CA GLY A 334 0.15 1.98 -1.33
C GLY A 334 -1.13 2.42 -0.64
N ILE A 335 -1.72 1.55 0.19
CA ILE A 335 -2.96 1.91 0.88
CA ILE A 335 -2.96 1.95 0.83
C ILE A 335 -2.71 2.98 1.94
N GLN A 336 -1.71 2.71 2.80
N GLN A 336 -1.72 2.72 2.80
CA GLN A 336 -1.44 3.55 3.96
CA GLN A 336 -1.50 3.58 3.95
C GLN A 336 -0.89 4.92 3.59
C GLN A 336 -0.90 4.94 3.58
N THR A 337 -0.33 5.08 2.38
CA THR A 337 0.19 6.37 1.92
C THR A 337 -0.76 7.04 0.94
N SER A 338 -1.93 6.45 0.68
CA SER A 338 -2.70 6.87 -0.50
C SER A 338 -3.24 8.28 -0.37
N ALA A 339 -3.61 8.72 0.83
CA ALA A 339 -4.18 10.06 0.96
C ALA A 339 -3.13 11.14 0.66
N ALA A 340 -1.93 10.98 1.23
CA ALA A 340 -0.86 11.94 0.95
C ALA A 340 -0.38 11.82 -0.49
N MET A 341 -0.25 10.59 -1.00
CA MET A 341 0.18 10.41 -2.39
C MET A 341 -0.84 11.01 -3.35
N GLY A 342 -2.13 10.78 -3.10
CA GLY A 342 -3.14 11.32 -4.00
C GLY A 342 -3.13 12.83 -4.01
N GLU A 343 -3.04 13.45 -2.82
CA GLU A 343 -3.07 14.89 -2.75
C GLU A 343 -1.79 15.50 -3.30
N ALA A 344 -0.63 14.89 -3.00
CA ALA A 344 0.63 15.41 -3.51
C ALA A 344 0.73 15.24 -5.02
N SER A 345 0.38 14.06 -5.53
CA SER A 345 0.45 13.85 -6.98
CA SER A 345 0.43 13.84 -6.98
C SER A 345 -0.48 14.80 -7.72
N ALA A 346 -1.69 15.03 -7.19
CA ALA A 346 -2.59 15.97 -7.85
C ALA A 346 -1.99 17.38 -7.89
N ALA A 347 -1.38 17.82 -6.79
CA ALA A 347 -0.74 19.13 -6.78
C ALA A 347 0.39 19.20 -7.81
N LEU A 348 1.24 18.17 -7.82
CA LEU A 348 2.37 18.15 -8.76
C LEU A 348 1.90 18.10 -10.21
N ILE A 349 0.87 17.30 -10.49
CA ILE A 349 0.33 17.22 -11.85
C ILE A 349 -0.09 18.61 -12.31
N ARG A 350 -0.69 19.37 -11.41
CA ARG A 350 -1.23 20.69 -11.70
C ARG A 350 -0.18 21.79 -11.57
N HIS A 351 1.09 21.43 -11.26
CA HIS A 351 2.17 22.40 -11.12
CA HIS A 351 2.18 22.38 -11.12
C HIS A 351 1.95 23.37 -9.97
N GLN A 352 1.29 22.90 -8.91
CA GLN A 352 1.02 23.70 -7.74
C GLN A 352 1.91 23.27 -6.59
N PRO A 353 2.21 24.16 -5.65
CA PRO A 353 2.95 23.73 -4.46
C PRO A 353 2.16 22.71 -3.67
N LEU A 354 2.88 21.85 -2.96
N LEU A 354 2.88 21.84 -2.98
CA LEU A 354 2.21 20.90 -2.10
CA LEU A 354 2.22 20.89 -2.09
C LEU A 354 1.53 21.62 -0.95
C LEU A 354 1.52 21.66 -0.97
N PRO A 355 0.32 21.22 -0.56
CA PRO A 355 -0.36 21.88 0.56
C PRO A 355 0.49 21.90 1.83
N ALA A 356 0.26 22.92 2.66
CA ALA A 356 1.12 23.16 3.82
C ALA A 356 1.20 21.95 4.75
N HIS A 357 0.07 21.25 4.97
CA HIS A 357 0.12 20.12 5.90
CA HIS A 357 0.09 20.10 5.88
C HIS A 357 1.05 19.02 5.40
N LEU A 358 1.13 18.84 4.08
CA LEU A 358 2.09 17.87 3.53
C LEU A 358 3.52 18.38 3.68
N ARG A 359 3.74 19.67 3.43
CA ARG A 359 5.06 20.26 3.58
C ARG A 359 5.56 20.12 5.03
N GLU A 360 4.65 20.20 5.99
CA GLU A 360 5.03 20.08 7.40
C GLU A 360 5.47 18.67 7.77
N HIS A 361 5.17 17.67 6.95
CA HIS A 361 5.69 16.32 7.13
C HIS A 361 6.94 16.08 6.32
N GLY A 362 7.48 17.11 5.69
CA GLY A 362 8.70 16.97 4.90
C GLY A 362 8.49 16.51 3.49
N LEU A 363 7.27 16.55 2.98
N LEU A 363 7.27 16.57 2.96
CA LEU A 363 7.03 16.23 1.57
CA LEU A 363 7.00 16.15 1.59
C LEU A 363 7.53 17.35 0.69
C LEU A 363 7.28 17.29 0.62
N ASP A 364 7.97 16.98 -0.52
N ASP A 364 7.90 16.96 -0.50
CA ASP A 364 8.38 17.95 -1.53
CA ASP A 364 8.18 17.96 -1.54
C ASP A 364 8.43 17.24 -2.87
C ASP A 364 8.34 17.24 -2.87
N GLU A 365 8.47 18.04 -3.94
CA GLU A 365 8.59 17.48 -5.27
C GLU A 365 9.81 16.57 -5.40
N ALA A 366 10.95 17.00 -4.83
CA ALA A 366 12.19 16.29 -5.08
C ALA A 366 12.17 14.87 -4.54
N MET A 367 11.65 14.67 -3.33
N MET A 367 11.64 14.68 -3.32
CA MET A 367 11.71 13.32 -2.76
CA MET A 367 11.63 13.35 -2.70
C MET A 367 10.69 12.37 -3.37
C MET A 367 10.75 12.37 -3.46
N LEU A 368 9.81 12.86 -4.24
CA LEU A 368 8.87 12.00 -4.97
C LEU A 368 9.26 11.79 -6.44
N SER A 369 10.20 12.56 -6.97
CA SER A 369 10.37 12.62 -8.41
CA SER A 369 10.37 12.62 -8.41
C SER A 369 11.01 11.34 -8.95
N PRO A 370 10.57 10.86 -10.12
CA PRO A 370 11.25 9.74 -10.78
C PRO A 370 12.61 10.10 -11.28
N ARG A 371 12.90 11.39 -11.44
CA ARG A 371 14.18 11.77 -12.02
C ARG A 371 15.35 11.58 -11.05
N ARG A 372 15.08 11.31 -9.77
CA ARG A 372 16.14 10.95 -8.82
C ARG A 372 16.82 9.65 -9.16
N LEU A 373 16.20 8.80 -9.97
CA LEU A 373 16.74 7.49 -10.27
C LEU A 373 17.89 7.64 -11.24
N SER A 374 18.95 6.85 -11.06
CA SER A 374 20.11 6.96 -11.94
C SER A 374 20.75 5.58 -12.02
N PRO A 375 21.29 5.18 -13.18
N PRO A 375 21.27 5.18 -13.18
CA PRO A 375 21.33 5.97 -14.41
CA PRO A 375 21.32 5.96 -14.42
C PRO A 375 20.04 5.91 -15.22
C PRO A 375 20.04 5.86 -15.25
#